data_2LZV
#
_entry.id   2LZV
#
loop_
_entity.id
_entity.type
_entity.pdbx_description
1 polymer "DNA (5'-D(*CP*GP*AP*AP*AP*UP*TP*TP*TP*CP*G)-3')"
2 non-polymer HEPTANE
#
_entity_poly.entity_id   1
_entity_poly.type   'polydeoxyribonucleotide'
_entity_poly.pdbx_seq_one_letter_code
;(DC)(DG)(DA)(DA)(DA)(DU)(DT)(DT)(DT)(DC)(DG)
;
_entity_poly.pdbx_strand_id   A,B
#
loop_
_chem_comp.id
_chem_comp.type
_chem_comp.name
_chem_comp.formula
DA DNA linking 2'-DEOXYADENOSINE-5'-MONOPHOSPHATE 'C10 H14 N5 O6 P'
DC DNA linking 2'-DEOXYCYTIDINE-5'-MONOPHOSPHATE 'C9 H14 N3 O7 P'
DG DNA linking 2'-DEOXYGUANOSINE-5'-MONOPHOSPHATE 'C10 H14 N5 O7 P'
DT DNA linking THYMIDINE-5'-MONOPHOSPHATE 'C10 H15 N2 O8 P'
DU DNA linking 2'-DEOXYURIDINE-5'-MONOPHOSPHATE 'C9 H13 N2 O8 P'
HP6 non-polymer HEPTANE 'C7 H16'
#
# COMPACT_ATOMS: atom_id res chain seq x y z
C20 HP6 C . 1.71 -1.21 1.87
C21 HP6 C . 1.20 0.22 1.71
C22 HP6 C . -0.26 0.19 1.29
C23 HP6 C . -0.51 1.23 0.21
C24 HP6 C . -0.09 0.67 -1.15
C25 HP6 C . -1.20 -0.21 -1.71
C26 HP6 C . -0.60 -1.48 -2.31
H201 HP6 C . 0.94 -1.80 2.36
H202 HP6 C . 1.92 -1.63 0.89
H211 HP6 C . 1.30 0.75 2.65
H212 HP6 C . 1.79 0.72 0.94
H221 HP6 C . -0.52 -0.80 0.91
H222 HP6 C . -0.89 0.43 2.15
H231 HP6 C . -1.57 1.49 0.17
H232 HP6 C . 0.08 2.13 0.41
H241 HP6 C . 0.82 0.08 -1.03
H242 HP6 C . 0.11 1.48 -1.84
H251 HP6 C . -1.74 0.33 -2.48
H252 HP6 C . -1.89 -0.49 -0.90
H261 HP6 C . 0.30 -1.22 -2.85
H262 HP6 C . -0.36 -2.18 -1.51
C20 HP6 C . 1.45 -0.81 2.06
C21 HP6 C . 0.97 0.62 1.83
C22 HP6 C . -0.48 0.60 1.36
C23 HP6 C . -0.68 1.66 0.28
C24 HP6 C . -0.23 1.11 -1.07
C25 HP6 C . -1.33 0.25 -1.68
C26 HP6 C . -0.71 -0.97 -2.34
H201 HP6 C . 0.65 -1.38 2.55
H202 HP6 C . 1.69 -1.27 1.11
H211 HP6 C . 1.05 1.19 2.75
H212 HP6 C . 1.60 1.09 1.06
H221 HP6 C . -0.72 -0.38 0.96
H222 HP6 C . -1.14 0.82 2.20
H231 HP6 C . -1.74 1.92 0.22
H232 HP6 C . -0.10 2.54 0.51
H241 HP6 C . 0.68 0.50 -0.93
H242 HP6 C . 0.00 1.93 -1.74
H251 HP6 C . -1.88 0.83 -2.41
H252 HP6 C . -2.01 -0.08 -0.89
H261 HP6 C . 0.19 -0.68 -2.89
H262 HP6 C . -0.46 -1.71 -1.59
C20 HP6 C . 1.32 -0.59 2.10
C21 HP6 C . 0.82 0.83 1.90
C22 HP6 C . -0.61 0.82 1.38
C23 HP6 C . -0.77 1.89 0.31
C24 HP6 C . -0.28 1.35 -1.04
C25 HP6 C . -1.38 0.52 -1.69
C26 HP6 C . -0.77 -0.73 -2.32
H201 HP6 C . 0.55 -1.17 2.62
H202 HP6 C . 1.52 -1.04 1.12
H211 HP6 C . 0.86 1.38 2.85
H212 HP6 C . 1.47 1.34 1.18
H221 HP6 C . -0.83 -0.16 0.95
H222 HP6 C . -1.29 1.02 2.20
H231 HP6 C . -1.83 2.16 0.22
H232 HP6 C . -0.20 2.77 0.57
H241 HP6 C . 0.60 0.72 -0.87
H242 HP6 C . -0.01 2.18 -1.68
H251 HP6 C . -1.87 1.11 -2.46
H252 HP6 C . -2.11 0.22 -0.93
H261 HP6 C . 0.12 -0.44 -2.89
H262 HP6 C . -0.50 -1.43 -1.54
C20 HP6 C . 1.94 -1.72 1.82
C21 HP6 C . 1.39 -0.31 1.68
C22 HP6 C . -0.05 -0.36 1.20
C23 HP6 C . -0.28 0.68 0.11
C24 HP6 C . 0.16 0.12 -1.24
C25 HP6 C . -0.98 -0.70 -1.85
C26 HP6 C . -0.42 -2.00 -2.42
H201 HP6 C . 1.20 -2.34 2.31
H202 HP6 C . 2.15 -2.12 0.82
H211 HP6 C . 1.43 0.19 2.64
H212 HP6 C . 1.99 0.25 0.96
H221 HP6 C . -0.26 -1.36 0.80
H222 HP6 C . -0.72 -0.17 2.03
H231 HP6 C . -1.33 0.94 0.07
H232 HP6 C . 0.30 1.57 0.34
H241 HP6 C . 1.03 -0.51 -1.10
H242 HP6 C . 0.41 0.94 -1.91
H251 HP6 C . -1.46 -0.13 -2.63
H252 HP6 C . -1.71 -0.94 -1.07
H261 HP6 C . 0.49 -1.78 -2.99
H262 HP6 C . -0.18 -2.68 -1.61
C20 HP6 C . 1.67 -0.77 2.39
C21 HP6 C . 1.49 0.67 1.89
C22 HP6 C . 0.10 0.84 1.30
C23 HP6 C . -0.02 0.05 0.01
C24 HP6 C . -0.80 0.86 -1.03
C25 HP6 C . -1.74 -0.06 -1.79
C26 HP6 C . -0.93 -1.00 -2.68
H201 HP6 C . 0.81 -1.04 3.00
H202 HP6 C . 1.74 -1.44 1.53
H211 HP6 C . 1.63 1.36 2.72
H212 HP6 C . 2.24 0.88 1.12
H221 HP6 C . -0.64 0.48 2.01
H222 HP6 C . -0.08 1.90 1.09
H231 HP6 C . 0.98 -0.16 -0.38
H232 HP6 C . -0.54 -0.88 0.21
H241 HP6 C . -0.09 1.32 -1.73
H242 HP6 C . -1.37 1.64 -0.53
H251 HP6 C . -2.41 0.54 -2.41
H252 HP6 C . -2.32 -0.65 -1.09
H261 HP6 C . -0.20 -0.43 -3.26
H262 HP6 C . -0.42 -1.74 -2.07
C20 HP6 C . 1.99 -1.96 1.78
C21 HP6 C . 1.48 -0.53 1.62
C22 HP6 C . 0.03 -0.57 1.16
C23 HP6 C . -0.20 0.48 0.08
C24 HP6 C . 0.24 -0.09 -1.27
C25 HP6 C . -0.88 -0.94 -1.86
C26 HP6 C . -0.30 -2.20 -2.46
H201 HP6 C . 1.25 -2.55 2.33
H202 HP6 C . 2.17 -2.39 0.81
H211 HP6 C . 1.55 -0.01 2.58
H212 HP6 C . 2.08 -0.01 0.88
H221 HP6 C . -0.20 -1.55 0.77
H222 HP6 C . -0.62 -0.35 2.01
H231 HP6 C . -1.26 0.74 0.04
H232 HP6 C . 0.39 1.37 0.31
H241 HP6 C . 1.13 -0.70 -1.14
H242 HP6 C . 0.46 0.74 -1.94
H251 HP6 C . -1.40 -0.37 -2.64
H252 HP6 C . -1.59 -1.20 -1.07
H261 HP6 C . 0.59 -1.95 -3.06
H262 HP6 C . -0.01 -2.88 -1.67
C20 HP6 C . 2.18 -0.77 1.51
C21 HP6 C . 1.85 0.68 1.15
C22 HP6 C . 1.04 0.71 -0.14
C23 HP6 C . -0.42 1.02 0.16
C24 HP6 C . -1.23 -0.27 0.22
C25 HP6 C . -1.93 -0.50 -1.12
C26 HP6 C . -1.22 -1.60 -1.90
H201 HP6 C . 1.28 -1.26 1.88
H202 HP6 C . 2.57 -1.28 0.64
H211 HP6 C . 1.28 1.13 1.96
H212 HP6 C . 2.78 1.23 1.01
H221 HP6 C . 1.45 1.48 -0.80
H222 HP6 C . 1.11 -0.26 -0.64
H231 HP6 C . -0.49 1.53 1.12
H232 HP6 C . -0.83 1.67 -0.62
H241 HP6 C . -1.97 -0.20 1.01
H242 HP6 C . -0.55 -1.11 0.42
H251 HP6 C . -1.91 0.43 -1.69
H252 HP6 C . -2.96 -0.79 -0.94
H261 HP6 C . -0.26 -1.22 -2.28
H262 HP6 C . -1.03 -2.44 -1.24
C20 HP6 C . 1.25 -0.93 2.22
C21 HP6 C . 0.72 0.49 2.05
C22 HP6 C . -0.61 0.45 1.30
C23 HP6 C . -0.64 1.56 0.26
C24 HP6 C . -0.02 1.07 -1.05
C25 HP6 C . -1.08 0.39 -1.89
C26 HP6 C . -0.50 -0.87 -2.52
H201 HP6 C . 0.46 -1.56 2.64
H202 HP6 C . 1.56 -1.33 1.25
H211 HP6 C . 0.58 0.94 3.02
H212 HP6 C . 1.45 1.07 1.47
H221 HP6 C . -0.72 -0.52 0.80
H222 HP6 C . -1.42 0.58 2.00
H231 HP6 C . -1.68 1.86 0.07
H232 HP6 C . -0.08 2.42 0.63
H241 HP6 C . 0.78 0.36 -0.82
H242 HP6 C . 0.40 1.92 -1.59
H251 HP6 C . -1.41 1.07 -2.68
H252 HP6 C . -1.93 0.12 -1.27
H261 HP6 C . 0.44 -0.63 -3.01
H262 HP6 C . -0.33 -1.62 -1.75
C20 HP6 C . 1.65 -1.12 1.90
C21 HP6 C . 1.19 0.31 1.68
C22 HP6 C . -0.30 0.31 1.31
C23 HP6 C . -0.55 1.34 0.22
C24 HP6 C . -0.15 0.77 -1.13
C25 HP6 C . -1.25 -0.16 -1.65
C26 HP6 C . -0.63 -1.38 -2.30
H201 HP6 C . 0.92 -1.66 2.51
H202 HP6 C . 1.75 -1.63 0.93
H211 HP6 C . 1.34 0.89 2.59
H212 HP6 C . 1.77 0.76 0.87
H221 HP6 C . -0.58 -0.67 0.96
H222 HP6 C . -0.88 0.56 2.19
H231 HP6 C . -1.61 1.60 0.20
H232 HP6 C . 0.03 2.24 0.42
H241 HP6 C . 0.78 0.20 -1.03
H242 HP6 C . 0.00 1.59 -1.84
H251 HP6 C . -1.86 0.39 -2.38
H252 HP6 C . -1.89 -0.47 -0.82
H261 HP6 C . 0.20 -1.06 -2.94
H262 HP6 C . -0.25 -2.05 -1.53
C20 HP6 C . 1.50 -0.88 2.02
C21 HP6 C . 0.98 0.53 1.84
C22 HP6 C . -0.45 0.50 1.34
C23 HP6 C . -0.64 1.56 0.26
C24 HP6 C . -0.17 1.00 -1.09
C25 HP6 C . -1.28 0.19 -1.72
C26 HP6 C . -0.70 -1.08 -2.34
H201 HP6 C . 0.74 -1.50 2.48
H202 HP6 C . 1.77 -1.30 1.05
H211 HP6 C . 1.02 1.06 2.80
H212 HP6 C . 1.62 1.06 1.12
H221 HP6 C . -0.66 -0.49 0.92
H222 HP6 C . -1.13 0.70 2.16
H231 HP6 C . -1.70 1.82 0.19
H232 HP6 C . -0.06 2.44 0.50
H241 HP6 C . 0.71 0.38 -0.93
H242 HP6 C . 0.08 1.84 -1.74
H251 HP6 C . -1.78 0.77 -2.50
H252 HP6 C . -2.02 -0.09 -0.96
H261 HP6 C . 0.22 -0.84 -2.86
H262 HP6 C . -0.49 -1.81 -1.54
C20 HP6 C . 1.73 -1.33 1.87
C21 HP6 C . 1.20 0.09 1.73
C22 HP6 C . -0.24 0.05 1.26
C23 HP6 C . -0.46 1.10 0.18
C24 HP6 C . -0.01 0.54 -1.17
C25 HP6 C . -1.13 -0.30 -1.77
C26 HP6 C . -0.54 -1.58 -2.35
H201 HP6 C . 0.99 -1.95 2.39
H202 HP6 C . 1.91 -1.76 0.88
H211 HP6 C . 1.27 0.59 2.70
H212 HP6 C . 1.82 0.62 1.01
H221 HP6 C . -0.47 -0.94 0.86
H222 HP6 C . -0.90 0.26 2.10
H231 HP6 C . -1.51 1.36 0.13
H232 HP6 C . 0.13 1.99 0.41
H241 HP6 C . 0.88 -0.07 -1.03
H242 HP6 C . 0.23 1.37 -1.84
H251 HP6 C . -1.62 0.26 -2.56
H252 HP6 C . -1.86 -0.55 -1.00
H261 HP6 C . 0.36 -1.34 -2.93
H262 HP6 C . -0.27 -2.26 -1.54
#